data_9MHT
#
_entry.id   9MHT
#
_cell.length_a   99.860
_cell.length_b   99.860
_cell.length_c   325.200
_cell.angle_alpha   90.00
_cell.angle_beta   90.00
_cell.angle_gamma   120.00
#
_symmetry.space_group_name_H-M   'H 3 2'
#
loop_
_entity.id
_entity.type
_entity.pdbx_description
1 polymer "5'-D(P*CP*CP*AP*TP*GP*CP*GP*CP*TP*GP*AP*C)-3'"
2 polymer "5'-D(P*GP*TP*CP*AP*GP*(3DR)P*GP*CP*AP*TP*GP*G)-3'"
3 polymer 'CYTOSINE-SPECIFIC METHYLTRANSFERASE HHAI'
4 non-polymer S-ADENOSYL-L-HOMOCYSTEINE
5 water water
#
loop_
_entity_poly.entity_id
_entity_poly.type
_entity_poly.pdbx_seq_one_letter_code
_entity_poly.pdbx_strand_id
1 'polydeoxyribonucleotide' (DC)(DC)(DA)(DT)(DG)(DC)(DG)(DC)(DT)(DG)(DA)(DC) C
2 'polydeoxyribonucleotide' (DG)(DT)(DC)(DA)(DG)(3DR)(DG)(DC)(DA)(DT)(DG)(DG) D
3 'polypeptide(L)'
;MIEIKDKQLTGLRFIDLFAGLGGFRLALESCGAECVYSNEWDKYAQEVYEMNFGEKPEGDITQVNEKTIPDHDILCAGFP
CQAFSISGKQKGFEDSRGTLFFDIARIVREKKPKVVFMENVKNFASHDNGNTLEVVKNTMNELDYSFHAKVLNALDYGIP
QKRERIYMICFRNDLNIQNFQFPKPFELNTFVKDLLLPDSEVEHLVIDRKDLVMTNQEIEQTTPKTVRLGIVGKGGQGER
IYSTRGIAITLSAYGGGIFAKTGGYLVNGKTRKLHPRECARVMGYPDSYKVHPSTSQAYKQFGNSVVINVLQYIAYNIGS
SLNFKPY
;
A
#
loop_
_chem_comp.id
_chem_comp.type
_chem_comp.name
_chem_comp.formula
3DR DNA linking 1',2'-DIDEOXYRIBOFURANOSE-5'-PHOSPHATE 'C5 H11 O6 P'
DA DNA linking 2'-DEOXYADENOSINE-5'-MONOPHOSPHATE 'C10 H14 N5 O6 P'
DC DNA linking 2'-DEOXYCYTIDINE-5'-MONOPHOSPHATE 'C9 H14 N3 O7 P'
DG DNA linking 2'-DEOXYGUANOSINE-5'-MONOPHOSPHATE 'C10 H14 N5 O7 P'
DT DNA linking THYMIDINE-5'-MONOPHOSPHATE 'C10 H15 N2 O8 P'
#
# COMPACT_ATOMS: atom_id res chain seq x y z
O5' 3DR B 6 1.44 -2.43 -9.86
P 3DR B 6 0.71 -2.04 -11.32
OP1 3DR B 6 -0.28 -3.08 -11.67
OP2 3DR B 6 0.30 -0.64 -11.12
C2' 3DR B 6 3.21 -5.26 -6.28
C5' 3DR B 6 2.03 -3.72 -9.53
C4' 3DR B 6 2.76 -3.78 -8.19
O4' 3DR B 6 1.92 -3.44 -7.04
C1' 3DR B 6 2.30 -4.14 -5.77
C3' 3DR B 6 3.04 -5.26 -7.88
O3' 3DR B 6 4.04 -6.00 -8.73
N MET C 1 5.00 9.15 7.86
CA MET C 1 3.63 9.33 8.41
C MET C 1 3.46 10.72 9.02
N ILE C 2 2.21 11.09 9.26
CA ILE C 2 1.85 12.38 9.81
C ILE C 2 1.37 12.27 11.27
N GLU C 3 1.42 13.37 12.03
CA GLU C 3 0.95 13.35 13.44
C GLU C 3 -0.54 13.72 13.52
N ILE C 4 -1.32 12.92 14.22
CA ILE C 4 -2.74 13.16 14.37
C ILE C 4 -3.13 13.61 15.79
N LYS C 5 -3.64 14.85 15.91
CA LYS C 5 -4.06 15.42 17.20
C LYS C 5 -5.43 14.98 17.71
N ASP C 6 -6.44 15.08 16.85
CA ASP C 6 -7.82 14.72 17.16
C ASP C 6 -8.10 13.20 16.86
N LYS C 7 -8.00 12.40 17.90
CA LYS C 7 -8.18 10.95 17.83
C LYS C 7 -9.60 10.44 17.57
N GLN C 8 -10.05 10.58 16.33
CA GLN C 8 -11.40 10.17 15.90
C GLN C 8 -11.85 8.72 16.16
N LEU C 9 -10.92 7.76 16.16
CA LEU C 9 -11.30 6.36 16.36
C LEU C 9 -11.12 5.75 17.76
N THR C 10 -10.90 6.60 18.77
CA THR C 10 -10.75 6.12 20.14
C THR C 10 -11.97 5.31 20.60
N GLY C 11 -11.71 4.15 21.20
CA GLY C 11 -12.77 3.30 21.69
C GLY C 11 -13.16 2.14 20.79
N LEU C 12 -12.66 2.13 19.56
CA LEU C 12 -12.98 1.06 18.60
C LEU C 12 -11.93 -0.08 18.45
N ARG C 13 -12.40 -1.23 17.96
CA ARG C 13 -11.53 -2.42 17.75
C ARG C 13 -11.47 -2.81 16.27
N PHE C 14 -10.35 -3.37 15.84
CA PHE C 14 -10.17 -3.79 14.45
C PHE C 14 -9.27 -5.04 14.31
N ILE C 15 -9.34 -5.69 13.15
CA ILE C 15 -8.49 -6.87 12.84
C ILE C 15 -7.63 -6.56 11.60
N ASP C 16 -6.43 -7.12 11.56
CA ASP C 16 -5.42 -6.88 10.52
C ASP C 16 -5.16 -8.14 9.61
N LEU C 17 -6.01 -8.33 8.59
CA LEU C 17 -5.91 -9.45 7.64
C LEU C 17 -4.91 -9.15 6.51
N PHE C 18 -4.21 -10.18 6.03
CA PHE C 18 -3.19 -10.07 4.97
C PHE C 18 -2.18 -9.00 5.43
N ALA C 19 -1.79 -9.12 6.71
CA ALA C 19 -0.92 -8.17 7.44
C ALA C 19 0.38 -7.54 6.88
N GLY C 20 1.25 -8.35 6.29
CA GLY C 20 2.52 -7.85 5.76
C GLY C 20 3.38 -7.20 6.85
N LEU C 21 3.81 -5.97 6.61
CA LEU C 21 4.62 -5.21 7.57
C LEU C 21 3.74 -4.54 8.64
N GLY C 22 2.43 -4.53 8.44
CA GLY C 22 1.50 -3.90 9.37
C GLY C 22 1.23 -2.41 9.10
N GLY C 23 1.15 -2.03 7.83
CA GLY C 23 0.89 -0.63 7.48
C GLY C 23 -0.47 -0.16 7.96
N PHE C 24 -1.50 -1.03 7.89
CA PHE C 24 -2.87 -0.70 8.35
C PHE C 24 -2.92 -0.48 9.88
N ARG C 25 -2.12 -1.23 10.65
CA ARG C 25 -2.09 -1.07 12.11
C ARG C 25 -1.50 0.32 12.54
N LEU C 26 -0.38 0.73 11.94
CA LEU C 26 0.24 2.02 12.26
C LEU C 26 -0.74 3.20 12.02
N ALA C 27 -1.53 3.12 10.95
CA ALA C 27 -2.48 4.17 10.58
C ALA C 27 -3.71 4.27 11.48
N LEU C 28 -4.33 3.13 11.81
CA LEU C 28 -5.50 3.13 12.68
C LEU C 28 -5.11 3.45 14.14
N GLU C 29 -3.95 2.97 14.59
CA GLU C 29 -3.50 3.26 15.96
C GLU C 29 -3.21 4.76 16.15
N SER C 30 -2.69 5.44 15.11
CA SER C 30 -2.41 6.88 15.23
C SER C 30 -3.71 7.68 15.43
N CYS C 31 -4.83 7.09 15.01
CA CYS C 31 -6.15 7.73 15.16
C CYS C 31 -6.81 7.28 16.48
N GLY C 32 -6.17 6.36 17.19
CA GLY C 32 -6.69 5.91 18.47
C GLY C 32 -7.29 4.52 18.65
N ALA C 33 -7.47 3.75 17.56
CA ALA C 33 -8.08 2.41 17.61
C ALA C 33 -7.22 1.27 18.18
N GLU C 34 -7.87 0.20 18.65
CA GLU C 34 -7.16 -0.96 19.21
C GLU C 34 -7.25 -2.24 18.35
N CYS C 35 -6.11 -2.92 18.12
CA CYS C 35 -6.03 -4.17 17.32
C CYS C 35 -6.23 -5.42 18.22
N VAL C 36 -7.13 -6.31 17.82
CA VAL C 36 -7.41 -7.51 18.59
C VAL C 36 -7.19 -8.87 17.88
N TYR C 37 -6.65 -8.86 16.66
CA TYR C 37 -6.39 -10.09 15.91
C TYR C 37 -5.66 -9.74 14.61
N SER C 38 -4.73 -10.60 14.19
CA SER C 38 -3.95 -10.44 12.96
C SER C 38 -3.67 -11.81 12.33
N ASN C 39 -3.54 -11.83 10.99
CA ASN C 39 -3.31 -13.06 10.20
C ASN C 39 -2.37 -12.74 9.01
N GLU C 40 -1.47 -13.69 8.71
CA GLU C 40 -0.44 -13.60 7.65
C GLU C 40 0.30 -14.96 7.62
N TRP C 41 0.48 -15.57 6.44
CA TRP C 41 1.16 -16.87 6.36
C TRP C 41 2.67 -16.95 5.97
N ASP C 42 3.26 -15.85 5.50
CA ASP C 42 4.68 -15.84 5.08
C ASP C 42 5.64 -15.85 6.27
N LYS C 43 6.56 -16.81 6.28
CA LYS C 43 7.55 -16.98 7.34
C LYS C 43 8.31 -15.71 7.74
N TYR C 44 8.91 -15.06 6.75
CA TYR C 44 9.69 -13.84 6.97
C TYR C 44 8.87 -12.58 7.31
N ALA C 45 7.64 -12.48 6.79
CA ALA C 45 6.74 -11.36 7.11
C ALA C 45 6.31 -11.49 8.61
N GLN C 46 6.13 -12.73 9.09
CA GLN C 46 5.79 -12.97 10.51
C GLN C 46 6.93 -12.49 11.43
N GLU C 47 8.17 -12.65 10.98
CA GLU C 47 9.36 -12.22 11.74
C GLU C 47 9.48 -10.69 11.95
N VAL C 48 9.31 -9.89 10.88
CA VAL C 48 9.40 -8.41 11.00
C VAL C 48 8.26 -7.88 11.87
N TYR C 49 7.06 -8.41 11.62
CA TYR C 49 5.88 -8.01 12.36
C TYR C 49 6.10 -8.17 13.87
N GLU C 50 6.51 -9.37 14.29
CA GLU C 50 6.76 -9.61 15.71
C GLU C 50 7.85 -8.70 16.27
N MET C 51 8.87 -8.41 15.46
CA MET C 51 9.97 -7.50 15.85
C MET C 51 9.42 -6.12 16.23
N ASN C 52 8.45 -5.66 15.44
CA ASN C 52 7.86 -4.34 15.67
C ASN C 52 6.64 -4.27 16.59
N PHE C 53 5.83 -5.34 16.66
CA PHE C 53 4.63 -5.29 17.51
C PHE C 53 4.57 -6.27 18.70
N GLY C 54 5.51 -7.20 18.77
CA GLY C 54 5.55 -8.16 19.87
C GLY C 54 4.57 -9.33 19.86
N GLU C 55 4.10 -9.72 18.69
CA GLU C 55 3.18 -10.84 18.58
C GLU C 55 3.28 -11.51 17.18
N LYS C 56 3.09 -12.82 17.16
CA LYS C 56 3.17 -13.60 15.93
C LYS C 56 1.76 -13.81 15.32
N PRO C 57 1.54 -13.37 14.05
CA PRO C 57 0.23 -13.54 13.40
C PRO C 57 -0.18 -15.00 13.13
N GLU C 58 -1.49 -15.26 13.06
CA GLU C 58 -2.00 -16.61 12.80
C GLU C 58 -1.82 -16.92 11.30
N GLY C 59 -1.74 -18.21 10.96
CA GLY C 59 -1.54 -18.66 9.59
C GLY C 59 -2.73 -18.85 8.67
N ASP C 60 -2.47 -19.44 7.51
CA ASP C 60 -3.46 -19.70 6.43
C ASP C 60 -4.96 -19.48 6.71
N ILE C 61 -5.45 -18.29 6.31
CA ILE C 61 -6.85 -17.91 6.49
C ILE C 61 -7.86 -18.90 5.90
N THR C 62 -7.49 -19.65 4.86
CA THR C 62 -8.46 -20.59 4.29
C THR C 62 -8.79 -21.81 5.17
N GLN C 63 -8.05 -22.01 6.26
CA GLN C 63 -8.30 -23.15 7.13
C GLN C 63 -8.71 -22.70 8.54
N VAL C 64 -9.07 -21.43 8.69
CA VAL C 64 -9.47 -20.89 9.98
C VAL C 64 -10.99 -20.91 10.12
N ASN C 65 -11.48 -21.37 11.27
CA ASN C 65 -12.92 -21.42 11.52
C ASN C 65 -13.32 -20.02 11.96
N GLU C 66 -13.96 -19.29 11.05
CA GLU C 66 -14.39 -17.90 11.30
C GLU C 66 -15.06 -17.64 12.64
N LYS C 67 -15.68 -18.67 13.23
CA LYS C 67 -16.36 -18.53 14.53
C LYS C 67 -15.38 -18.30 15.66
N THR C 68 -14.13 -18.64 15.38
CA THR C 68 -13.00 -18.50 16.30
C THR C 68 -12.53 -17.03 16.45
N ILE C 69 -12.81 -16.21 15.42
CA ILE C 69 -12.38 -14.81 15.38
C ILE C 69 -13.13 -13.89 16.34
N PRO C 70 -12.38 -13.05 17.08
CA PRO C 70 -12.92 -12.07 18.06
C PRO C 70 -13.91 -11.05 17.50
N ASP C 71 -14.69 -10.45 18.39
CA ASP C 71 -15.65 -9.42 18.02
C ASP C 71 -14.84 -8.17 17.66
N HIS C 72 -15.34 -7.36 16.72
CA HIS C 72 -14.62 -6.16 16.27
C HIS C 72 -15.56 -5.20 15.49
N ASP C 73 -15.17 -3.93 15.35
CA ASP C 73 -15.95 -2.91 14.66
C ASP C 73 -15.52 -2.65 13.19
N ILE C 74 -14.23 -2.79 12.89
CA ILE C 74 -13.70 -2.54 11.54
C ILE C 74 -12.79 -3.69 11.06
N LEU C 75 -13.02 -4.14 9.82
CA LEU C 75 -12.23 -5.20 9.19
C LEU C 75 -11.33 -4.53 8.15
N CYS C 76 -10.02 -4.76 8.27
CA CYS C 76 -9.01 -4.19 7.36
C CYS C 76 -8.44 -5.26 6.45
N ALA C 77 -8.28 -4.98 5.15
CA ALA C 77 -7.72 -5.98 4.23
C ALA C 77 -7.14 -5.50 2.91
N GLY C 78 -5.86 -5.73 2.69
CA GLY C 78 -5.22 -5.38 1.43
C GLY C 78 -4.85 -6.72 0.80
N PHE C 79 -5.81 -7.36 0.13
CA PHE C 79 -5.61 -8.68 -0.47
C PHE C 79 -4.74 -8.75 -1.74
N PRO C 80 -4.19 -9.93 -2.08
CA PRO C 80 -3.32 -10.16 -3.25
C PRO C 80 -3.72 -9.58 -4.62
N CYS C 81 -2.75 -9.03 -5.34
CA CYS C 81 -3.00 -8.39 -6.64
C CYS C 81 -2.30 -8.99 -7.90
N GLN C 82 -1.46 -10.02 -7.75
CA GLN C 82 -0.77 -10.62 -8.92
C GLN C 82 -1.72 -11.09 -10.04
N ALA C 83 -2.93 -11.51 -9.68
CA ALA C 83 -3.92 -11.98 -10.65
C ALA C 83 -4.72 -10.86 -11.32
N PHE C 84 -4.50 -9.62 -10.85
CA PHE C 84 -5.23 -8.48 -11.41
C PHE C 84 -4.35 -7.39 -12.07
N SER C 85 -3.04 -7.43 -11.83
CA SER C 85 -2.09 -6.46 -12.37
C SER C 85 -1.87 -6.50 -13.90
N ILE C 86 -1.62 -5.35 -14.52
CA ILE C 86 -1.38 -5.32 -15.97
C ILE C 86 0.01 -5.91 -16.34
N SER C 87 0.82 -6.23 -15.34
CA SER C 87 2.16 -6.79 -15.58
C SER C 87 2.16 -8.32 -15.63
N GLY C 88 1.04 -8.92 -15.20
CA GLY C 88 0.90 -10.35 -15.18
C GLY C 88 -0.07 -10.90 -16.23
N LYS C 89 -0.69 -12.03 -15.92
CA LYS C 89 -1.61 -12.72 -16.84
C LYS C 89 -3.12 -12.44 -16.72
N GLN C 90 -3.49 -11.53 -15.83
CA GLN C 90 -4.89 -11.16 -15.64
C GLN C 90 -5.90 -12.31 -15.58
N LYS C 91 -5.51 -13.45 -15.00
CA LYS C 91 -6.44 -14.58 -14.88
C LYS C 91 -7.60 -14.36 -13.87
N GLY C 92 -7.41 -13.42 -12.94
CA GLY C 92 -8.46 -13.12 -11.97
C GLY C 92 -9.01 -14.24 -11.09
N PHE C 93 -10.34 -14.37 -11.05
CA PHE C 93 -11.00 -15.39 -10.24
C PHE C 93 -10.61 -16.85 -10.61
N GLU C 94 -9.93 -17.03 -11.74
CA GLU C 94 -9.48 -18.37 -12.17
C GLU C 94 -8.05 -18.69 -11.71
N ASP C 95 -7.44 -17.77 -10.97
CA ASP C 95 -6.07 -17.92 -10.47
C ASP C 95 -6.11 -18.42 -9.01
N SER C 96 -5.14 -19.27 -8.64
CA SER C 96 -5.04 -19.80 -7.26
C SER C 96 -4.91 -18.70 -6.20
N ARG C 97 -4.34 -17.56 -6.57
CA ARG C 97 -4.20 -16.44 -5.66
C ARG C 97 -5.30 -15.39 -5.93
N GLY C 98 -6.34 -15.74 -6.69
CA GLY C 98 -7.39 -14.77 -7.01
C GLY C 98 -8.77 -14.90 -6.38
N THR C 99 -8.93 -15.82 -5.44
CA THR C 99 -10.23 -16.04 -4.80
C THR C 99 -10.27 -15.65 -3.32
N LEU C 100 -9.27 -14.91 -2.85
CA LEU C 100 -9.23 -14.52 -1.44
C LEU C 100 -10.40 -13.63 -1.01
N PHE C 101 -10.96 -12.85 -1.94
CA PHE C 101 -12.11 -12.00 -1.61
C PHE C 101 -13.27 -12.80 -0.99
N PHE C 102 -13.48 -14.04 -1.46
CA PHE C 102 -14.58 -14.89 -0.95
C PHE C 102 -14.40 -15.34 0.51
N ASP C 103 -13.15 -15.38 0.98
CA ASP C 103 -12.85 -15.76 2.37
C ASP C 103 -13.29 -14.61 3.27
N ILE C 104 -13.08 -13.39 2.77
CA ILE C 104 -13.45 -12.15 3.47
C ILE C 104 -14.96 -12.09 3.63
N ALA C 105 -15.66 -12.33 2.51
CA ALA C 105 -17.14 -12.34 2.49
C ALA C 105 -17.74 -13.27 3.56
N ARG C 106 -17.12 -14.45 3.66
CA ARG C 106 -17.48 -15.50 4.60
C ARG C 106 -17.30 -15.09 6.07
N ILE C 107 -16.26 -14.31 6.36
CA ILE C 107 -15.99 -13.82 7.73
C ILE C 107 -16.97 -12.74 8.12
N VAL C 108 -17.25 -11.84 7.16
CA VAL C 108 -18.21 -10.72 7.34
C VAL C 108 -19.60 -11.30 7.67
N ARG C 109 -20.00 -12.34 6.96
CA ARG C 109 -21.30 -13.00 7.17
C ARG C 109 -21.52 -13.40 8.65
N GLU C 110 -20.49 -13.94 9.29
CA GLU C 110 -20.56 -14.35 10.69
C GLU C 110 -20.42 -13.19 11.67
N LYS C 111 -19.39 -12.38 11.48
CA LYS C 111 -19.07 -11.29 12.41
C LYS C 111 -19.80 -9.96 12.27
N LYS C 112 -20.33 -9.67 11.07
CA LYS C 112 -21.07 -8.44 10.81
C LYS C 112 -20.53 -7.18 11.52
N PRO C 113 -19.33 -6.71 11.14
CA PRO C 113 -18.74 -5.52 11.74
C PRO C 113 -19.36 -4.23 11.18
N LYS C 114 -19.02 -3.10 11.77
CA LYS C 114 -19.53 -1.80 11.32
C LYS C 114 -18.97 -1.37 9.97
N VAL C 115 -17.64 -1.49 9.80
CA VAL C 115 -16.96 -1.06 8.57
C VAL C 115 -16.02 -2.11 8.01
N VAL C 116 -15.94 -2.19 6.67
CA VAL C 116 -15.04 -3.12 5.94
C VAL C 116 -14.20 -2.17 5.06
N PHE C 117 -12.87 -2.23 5.20
CA PHE C 117 -11.89 -1.33 4.53
C PHE C 117 -10.86 -2.16 3.70
N MET C 118 -11.00 -2.15 2.36
CA MET C 118 -10.13 -2.94 1.44
C MET C 118 -9.28 -2.08 0.49
N GLU C 119 -8.27 -2.70 -0.14
CA GLU C 119 -7.33 -2.03 -1.06
C GLU C 119 -6.81 -3.01 -2.14
N ASN C 120 -6.57 -2.53 -3.38
CA ASN C 120 -6.04 -3.36 -4.49
C ASN C 120 -5.46 -2.44 -5.59
N VAL C 121 -5.04 -2.99 -6.75
CA VAL C 121 -4.46 -2.17 -7.84
C VAL C 121 -5.48 -1.35 -8.64
N LYS C 122 -4.97 -0.44 -9.45
CA LYS C 122 -5.81 0.40 -10.28
C LYS C 122 -6.65 -0.40 -11.29
N ASN C 123 -6.01 -1.36 -11.95
CA ASN C 123 -6.64 -2.23 -12.95
C ASN C 123 -7.81 -3.09 -12.45
N PHE C 124 -8.03 -3.13 -11.13
CA PHE C 124 -9.12 -3.92 -10.54
C PHE C 124 -10.49 -3.33 -11.00
N ALA C 125 -10.54 -2.01 -11.19
CA ALA C 125 -11.77 -1.38 -11.62
C ALA C 125 -12.08 -1.60 -13.11
N SER C 126 -11.13 -2.09 -13.89
CA SER C 126 -11.37 -2.29 -15.32
C SER C 126 -11.41 -3.74 -15.74
N HIS C 127 -10.60 -4.57 -15.08
CA HIS C 127 -10.50 -5.99 -15.39
C HIS C 127 -11.81 -6.67 -15.79
N ASP C 128 -11.74 -7.42 -16.88
CA ASP C 128 -12.87 -8.18 -17.40
C ASP C 128 -14.12 -7.33 -17.71
N ASN C 129 -13.94 -6.33 -18.56
CA ASN C 129 -15.03 -5.45 -18.95
C ASN C 129 -15.81 -4.88 -17.78
N GLY C 130 -15.18 -4.80 -16.61
CA GLY C 130 -15.85 -4.26 -15.44
C GLY C 130 -16.70 -5.23 -14.65
N ASN C 131 -16.72 -6.50 -15.07
CA ASN C 131 -17.51 -7.51 -14.35
C ASN C 131 -17.02 -7.74 -12.92
N THR C 132 -15.69 -7.80 -12.78
CA THR C 132 -15.00 -8.03 -11.50
C THR C 132 -15.38 -7.05 -10.36
N LEU C 133 -15.56 -5.77 -10.73
CA LEU C 133 -15.95 -4.74 -9.77
C LEU C 133 -17.43 -4.91 -9.38
N GLU C 134 -18.32 -5.06 -10.37
CA GLU C 134 -19.76 -5.28 -10.10
C GLU C 134 -20.01 -6.47 -9.17
N VAL C 135 -19.26 -7.55 -9.35
CA VAL C 135 -19.37 -8.74 -8.50
C VAL C 135 -19.06 -8.36 -7.03
N VAL C 136 -18.02 -7.56 -6.81
CA VAL C 136 -17.65 -7.13 -5.45
C VAL C 136 -18.77 -6.29 -4.84
N LYS C 137 -19.30 -5.34 -5.63
CA LYS C 137 -20.40 -4.47 -5.24
C LYS C 137 -21.68 -5.24 -4.86
N ASN C 138 -22.08 -6.19 -5.73
CA ASN C 138 -23.27 -7.03 -5.52
C ASN C 138 -23.18 -7.90 -4.26
N THR C 139 -22.02 -8.53 -4.05
CA THR C 139 -21.82 -9.37 -2.87
C THR C 139 -22.07 -8.54 -1.60
N MET C 140 -21.50 -7.32 -1.58
CA MET C 140 -21.62 -6.42 -0.43
C MET C 140 -23.03 -5.93 -0.19
N ASN C 141 -23.72 -5.50 -1.24
CA ASN C 141 -25.09 -5.06 -1.05
C ASN C 141 -25.91 -6.22 -0.47
N GLU C 142 -25.70 -7.42 -1.01
CA GLU C 142 -26.41 -8.63 -0.54
C GLU C 142 -26.21 -8.94 0.96
N LEU C 143 -25.09 -8.47 1.53
CA LEU C 143 -24.78 -8.67 2.95
C LEU C 143 -25.32 -7.53 3.84
N ASP C 144 -26.00 -6.55 3.23
CA ASP C 144 -26.60 -5.41 3.94
C ASP C 144 -25.63 -4.23 4.22
N TYR C 145 -24.76 -3.92 3.26
CA TYR C 145 -23.78 -2.81 3.39
C TYR C 145 -23.86 -1.87 2.17
N SER C 146 -23.39 -0.63 2.33
CA SER C 146 -23.32 0.33 1.20
C SER C 146 -21.95 0.13 0.51
N PHE C 147 -21.75 0.69 -0.68
CA PHE C 147 -20.48 0.49 -1.39
C PHE C 147 -19.86 1.76 -2.05
N HIS C 148 -18.73 2.22 -1.51
CA HIS C 148 -18.04 3.42 -2.04
C HIS C 148 -16.68 2.98 -2.56
N ALA C 149 -16.27 3.49 -3.73
CA ALA C 149 -14.98 3.09 -4.32
C ALA C 149 -14.33 4.16 -5.20
N LYS C 150 -13.00 4.26 -5.15
CA LYS C 150 -12.30 5.25 -5.96
C LYS C 150 -10.81 5.01 -6.06
N VAL C 151 -10.21 5.47 -7.18
CA VAL C 151 -8.78 5.37 -7.48
C VAL C 151 -8.06 6.69 -7.10
N LEU C 152 -7.00 6.59 -6.27
CA LEU C 152 -6.22 7.76 -5.79
C LEU C 152 -4.68 7.64 -6.02
N ASN C 153 -4.01 8.76 -6.35
CA ASN C 153 -2.54 8.78 -6.60
C ASN C 153 -1.75 9.41 -5.41
N ALA C 154 -0.76 8.69 -4.89
CA ALA C 154 0.04 9.17 -3.74
C ALA C 154 0.71 10.55 -3.91
N LEU C 155 1.00 10.96 -5.15
CA LEU C 155 1.63 12.27 -5.43
C LEU C 155 0.76 13.47 -5.07
N ASP C 156 -0.55 13.26 -4.94
CA ASP C 156 -1.50 14.32 -4.56
C ASP C 156 -1.68 14.42 -3.05
N TYR C 157 -1.05 13.52 -2.28
CA TYR C 157 -1.18 13.50 -0.82
C TYR C 157 0.15 13.65 -0.04
N GLY C 158 1.08 14.37 -0.63
CA GLY C 158 2.35 14.64 0.04
C GLY C 158 3.50 13.65 0.00
N ILE C 159 3.40 12.61 -0.83
CA ILE C 159 4.47 11.62 -0.91
C ILE C 159 4.99 11.58 -2.33
N PRO C 160 6.30 11.79 -2.53
CA PRO C 160 6.87 11.77 -3.88
C PRO C 160 6.95 10.41 -4.60
N GLN C 161 5.81 9.80 -4.93
CA GLN C 161 5.79 8.51 -5.63
C GLN C 161 4.53 8.36 -6.49
N LYS C 162 4.69 7.86 -7.72
CA LYS C 162 3.54 7.64 -8.62
C LYS C 162 2.96 6.24 -8.33
N ARG C 163 1.97 6.14 -7.45
CA ARG C 163 1.35 4.84 -7.12
C ARG C 163 -0.18 5.00 -7.09
N GLU C 164 -0.81 4.49 -8.14
CA GLU C 164 -2.25 4.58 -8.32
C GLU C 164 -2.94 3.30 -7.85
N ARG C 165 -3.78 3.38 -6.80
CA ARG C 165 -4.49 2.21 -6.26
C ARG C 165 -5.99 2.47 -6.06
N ILE C 166 -6.80 1.41 -5.98
CA ILE C 166 -8.24 1.55 -5.76
C ILE C 166 -8.51 1.27 -4.26
N TYR C 167 -9.37 2.10 -3.65
CA TYR C 167 -9.74 1.99 -2.23
C TYR C 167 -11.25 1.75 -2.14
N MET C 168 -11.70 0.76 -1.35
CA MET C 168 -13.13 0.45 -1.25
C MET C 168 -13.63 0.43 0.21
N ILE C 169 -14.58 1.33 0.50
CA ILE C 169 -15.16 1.50 1.87
C ILE C 169 -16.67 1.12 1.94
N CYS C 170 -17.05 0.31 2.94
CA CYS C 170 -18.44 -0.14 3.10
C CYS C 170 -19.01 0.00 4.54
N PHE C 171 -20.19 0.62 4.66
CA PHE C 171 -20.86 0.83 5.95
C PHE C 171 -22.13 -0.06 6.10
N ARG C 172 -22.37 -0.56 7.30
CA ARG C 172 -23.54 -1.40 7.58
C ARG C 172 -24.85 -0.57 7.47
N ASN C 173 -25.84 -1.11 6.77
CA ASN C 173 -27.10 -0.41 6.54
C ASN C 173 -27.90 0.19 7.71
N ASP C 174 -27.90 -0.46 8.87
CA ASP C 174 -28.67 0.09 10.01
C ASP C 174 -28.10 1.36 10.59
N LEU C 175 -26.89 1.74 10.17
CA LEU C 175 -26.23 2.94 10.66
C LEU C 175 -26.58 4.19 9.85
N ASN C 176 -27.20 3.99 8.68
CA ASN C 176 -27.59 5.08 7.79
C ASN C 176 -26.55 6.20 7.60
N ILE C 177 -25.33 5.83 7.23
CA ILE C 177 -24.28 6.83 7.01
C ILE C 177 -24.47 7.45 5.62
N GLN C 178 -24.73 8.76 5.58
CA GLN C 178 -24.95 9.45 4.32
C GLN C 178 -23.96 10.59 4.03
N ASN C 179 -22.85 10.67 4.75
CA ASN C 179 -21.95 11.79 4.52
C ASN C 179 -20.45 11.45 4.35
N PHE C 180 -20.13 10.29 3.78
CA PHE C 180 -18.72 9.90 3.61
C PHE C 180 -18.07 10.53 2.38
N GLN C 181 -16.83 10.97 2.51
CA GLN C 181 -16.12 11.53 1.37
C GLN C 181 -14.65 11.20 1.35
N PHE C 182 -14.12 10.99 0.15
CA PHE C 182 -12.70 10.73 -0.02
C PHE C 182 -12.01 12.09 0.20
N PRO C 183 -10.77 12.10 0.73
CA PRO C 183 -10.09 13.38 0.96
C PRO C 183 -9.70 14.16 -0.31
N LYS C 184 -9.49 15.47 -0.18
CA LYS C 184 -9.10 16.31 -1.31
C LYS C 184 -7.56 16.43 -1.49
N PRO C 185 -7.09 16.50 -2.75
CA PRO C 185 -5.65 16.62 -3.04
C PRO C 185 -5.05 17.97 -2.63
N PHE C 186 -3.72 18.01 -2.51
CA PHE C 186 -3.01 19.23 -2.17
C PHE C 186 -1.63 19.26 -2.86
N GLU C 187 -1.04 20.44 -2.95
CA GLU C 187 0.27 20.68 -3.58
C GLU C 187 1.44 19.91 -2.98
N LEU C 188 2.30 19.36 -3.84
CA LEU C 188 3.48 18.61 -3.38
C LEU C 188 4.69 19.53 -3.15
N ASN C 189 5.46 19.26 -2.09
CA ASN C 189 6.62 20.06 -1.74
C ASN C 189 7.84 19.24 -1.32
N THR C 190 7.81 17.93 -1.56
CA THR C 190 8.94 17.08 -1.21
C THR C 190 9.26 16.23 -2.44
N PHE C 191 10.55 16.04 -2.70
CA PHE C 191 11.02 15.29 -3.87
C PHE C 191 12.02 14.21 -3.49
N VAL C 192 12.36 13.32 -4.43
CA VAL C 192 13.30 12.20 -4.18
C VAL C 192 14.61 12.60 -3.46
N LYS C 193 15.26 13.64 -3.96
CA LYS C 193 16.50 14.12 -3.40
C LYS C 193 16.40 14.54 -1.93
N ASP C 194 15.21 14.89 -1.48
CA ASP C 194 15.03 15.30 -0.10
C ASP C 194 14.96 14.13 0.88
N LEU C 195 14.84 12.90 0.35
CA LEU C 195 14.74 11.68 1.18
C LEU C 195 15.96 10.76 1.13
N LEU C 196 16.99 11.13 0.36
CA LEU C 196 18.19 10.29 0.23
C LEU C 196 19.13 10.27 1.45
N LEU C 197 19.92 9.20 1.54
CA LEU C 197 20.91 9.00 2.61
C LEU C 197 22.25 9.59 2.12
N PRO C 198 23.24 9.76 3.00
CA PRO C 198 24.55 10.31 2.58
C PRO C 198 25.34 9.31 1.68
N ASP C 199 26.13 9.86 0.75
CA ASP C 199 26.96 9.08 -0.18
C ASP C 199 27.87 8.02 0.51
N SER C 200 28.38 8.35 1.68
CA SER C 200 29.25 7.43 2.42
C SER C 200 28.52 6.15 2.92
N GLU C 201 27.20 6.13 2.83
CA GLU C 201 26.42 4.98 3.29
C GLU C 201 25.88 4.07 2.17
N VAL C 202 26.03 4.48 0.92
CA VAL C 202 25.48 3.71 -0.20
C VAL C 202 26.44 3.44 -1.35
N GLU C 203 27.74 3.57 -1.08
CA GLU C 203 28.75 3.33 -2.10
C GLU C 203 28.56 1.96 -2.76
N HIS C 204 28.22 0.96 -1.95
CA HIS C 204 28.01 -0.40 -2.43
C HIS C 204 26.87 -0.60 -3.44
N LEU C 205 26.03 0.41 -3.64
CA LEU C 205 24.90 0.30 -4.54
C LEU C 205 25.09 0.95 -5.92
N VAL C 206 26.25 1.55 -6.15
CA VAL C 206 26.56 2.20 -7.43
C VAL C 206 26.81 1.16 -8.55
N ILE C 207 26.33 1.46 -9.76
CA ILE C 207 26.47 0.57 -10.93
C ILE C 207 27.11 1.30 -12.12
N ASP C 208 28.10 0.66 -12.75
CA ASP C 208 28.77 1.27 -13.90
C ASP C 208 28.69 0.36 -15.14
N ARG C 209 27.64 0.55 -15.94
CA ARG C 209 27.45 -0.25 -17.15
C ARG C 209 27.83 0.54 -18.40
N LYS C 210 28.62 -0.08 -19.28
CA LYS C 210 29.07 0.59 -20.49
C LYS C 210 28.10 0.73 -21.67
N ASP C 211 26.87 0.22 -21.52
CA ASP C 211 25.85 0.36 -22.56
C ASP C 211 24.80 1.41 -22.20
N LEU C 212 25.13 2.25 -21.23
CA LEU C 212 24.26 3.33 -20.78
C LEU C 212 24.13 4.36 -21.91
N VAL C 213 22.90 4.78 -22.19
CA VAL C 213 22.62 5.79 -23.23
C VAL C 213 21.78 6.92 -22.62
N MET C 214 22.41 8.05 -22.31
CA MET C 214 21.69 9.18 -21.75
C MET C 214 20.89 9.85 -22.87
N THR C 215 19.57 9.88 -22.69
CA THR C 215 18.65 10.42 -23.69
C THR C 215 18.06 11.80 -23.45
N ASN C 216 18.14 12.33 -22.23
CA ASN C 216 17.60 13.64 -21.89
C ASN C 216 18.55 14.40 -20.97
N GLN C 217 18.42 15.72 -20.91
CA GLN C 217 19.28 16.55 -20.06
C GLN C 217 18.67 16.73 -18.67
N GLU C 218 19.51 16.67 -17.64
CA GLU C 218 19.05 16.84 -16.26
C GLU C 218 18.31 18.17 -16.11
N ILE C 219 17.30 18.19 -15.25
CA ILE C 219 16.54 19.39 -15.03
C ILE C 219 17.08 20.10 -13.80
N GLU C 220 16.89 21.41 -13.72
CA GLU C 220 17.36 22.19 -12.58
C GLU C 220 16.20 22.64 -11.68
N GLN C 221 14.97 22.44 -12.14
CA GLN C 221 13.79 22.81 -11.36
C GLN C 221 12.92 21.56 -11.13
N THR C 222 12.49 21.40 -9.88
CA THR C 222 11.67 20.28 -9.44
C THR C 222 10.27 20.24 -10.06
N THR C 223 9.71 19.04 -10.18
CA THR C 223 8.36 18.84 -10.74
C THR C 223 7.70 17.61 -10.13
N PRO C 224 6.37 17.61 -10.05
CA PRO C 224 5.66 16.46 -9.49
C PRO C 224 5.35 15.41 -10.55
N LYS C 225 6.39 14.83 -11.15
CA LYS C 225 6.23 13.80 -12.18
C LYS C 225 7.52 13.04 -12.42
N THR C 226 7.43 11.90 -13.11
CA THR C 226 8.61 11.10 -13.40
C THR C 226 9.34 11.65 -14.62
N VAL C 227 10.65 11.90 -14.47
CA VAL C 227 11.50 12.44 -15.56
C VAL C 227 12.64 11.47 -15.95
N ARG C 228 12.45 10.75 -17.06
CA ARG C 228 13.46 9.80 -17.54
C ARG C 228 14.65 10.54 -18.20
N LEU C 229 15.87 10.10 -17.91
CA LEU C 229 17.05 10.73 -18.48
C LEU C 229 17.90 9.78 -19.35
N GLY C 230 17.69 8.47 -19.22
CA GLY C 230 18.48 7.50 -20.00
C GLY C 230 18.07 6.03 -19.91
N ILE C 231 18.92 5.17 -20.48
CA ILE C 231 18.63 3.75 -20.54
C ILE C 231 19.87 2.80 -20.64
N VAL C 232 19.68 1.52 -20.30
CA VAL C 232 20.72 0.48 -20.43
C VAL C 232 20.08 -0.77 -21.08
N GLY C 233 20.83 -1.49 -21.89
CA GLY C 233 20.30 -2.67 -22.55
C GLY C 233 19.22 -2.25 -23.53
N LYS C 234 18.07 -2.92 -23.47
CA LYS C 234 16.93 -2.60 -24.35
C LYS C 234 15.91 -1.64 -23.72
N GLY C 235 16.16 -1.25 -22.47
CA GLY C 235 15.24 -0.32 -21.82
C GLY C 235 13.90 -0.85 -21.35
N GLY C 236 13.85 -2.08 -20.85
CA GLY C 236 12.60 -2.64 -20.33
C GLY C 236 12.50 -2.46 -18.81
N GLN C 237 11.62 -3.23 -18.16
CA GLN C 237 11.45 -3.11 -16.69
C GLN C 237 12.78 -3.33 -15.91
N GLY C 238 13.21 -2.32 -15.15
CA GLY C 238 14.46 -2.41 -14.38
C GLY C 238 15.71 -1.97 -15.12
N GLU C 239 15.54 -1.34 -16.29
CA GLU C 239 16.65 -0.88 -17.11
C GLU C 239 16.46 0.60 -17.53
N ARG C 240 15.70 1.34 -16.73
CA ARG C 240 15.38 2.75 -16.98
C ARG C 240 15.94 3.64 -15.84
N ILE C 241 16.50 4.82 -16.21
CA ILE C 241 17.10 5.78 -15.26
C ILE C 241 16.34 7.14 -15.15
N TYR C 242 16.12 7.60 -13.91
CA TYR C 242 15.35 8.82 -13.68
C TYR C 242 16.05 9.93 -12.85
N SER C 243 15.50 11.14 -12.90
CA SER C 243 16.01 12.29 -12.14
C SER C 243 15.45 12.38 -10.72
N THR C 244 16.31 12.70 -9.75
CA THR C 244 15.89 12.82 -8.36
C THR C 244 15.20 14.16 -8.10
N ARG C 245 15.02 14.97 -9.15
CA ARG C 245 14.35 16.26 -9.01
C ARG C 245 12.85 16.14 -9.25
N GLY C 246 12.42 14.92 -9.58
CA GLY C 246 11.02 14.62 -9.82
C GLY C 246 10.54 13.63 -8.75
N ILE C 247 9.68 12.70 -9.15
CA ILE C 247 9.15 11.70 -8.21
C ILE C 247 9.56 10.27 -8.58
N ALA C 248 9.44 9.36 -7.62
CA ALA C 248 9.82 7.95 -7.81
C ALA C 248 8.77 7.08 -8.54
N ILE C 249 9.23 6.06 -9.28
CA ILE C 249 8.31 5.13 -9.95
C ILE C 249 7.76 4.12 -8.91
N THR C 250 6.74 3.35 -9.29
CA THR C 250 6.14 2.35 -8.39
C THR C 250 7.13 1.28 -7.99
N LEU C 251 7.20 1.00 -6.68
CA LEU C 251 8.06 -0.01 -6.08
C LEU C 251 7.38 -1.37 -6.35
N SER C 252 8.15 -2.41 -6.68
CA SER C 252 7.53 -3.72 -6.97
C SER C 252 8.08 -4.89 -6.14
N ALA C 253 7.31 -6.00 -6.12
CA ALA C 253 7.69 -7.17 -5.34
C ALA C 253 8.40 -8.35 -6.05
N TYR C 254 8.07 -8.62 -7.31
CA TYR C 254 8.69 -9.74 -8.05
C TYR C 254 9.45 -9.30 -9.31
N GLY C 255 9.70 -7.99 -9.43
CA GLY C 255 10.38 -7.47 -10.60
C GLY C 255 11.82 -7.83 -10.85
N GLY C 256 12.23 -7.72 -12.12
CA GLY C 256 13.59 -8.03 -12.52
C GLY C 256 14.36 -6.85 -13.08
N GLY C 257 15.46 -7.12 -13.78
CA GLY C 257 16.30 -6.05 -14.34
C GLY C 257 17.53 -5.76 -13.48
N ILE C 258 18.55 -5.11 -14.05
CA ILE C 258 19.77 -4.80 -13.30
C ILE C 258 19.55 -3.78 -12.14
N PHE C 259 18.48 -2.99 -12.24
CA PHE C 259 18.11 -2.03 -11.20
C PHE C 259 16.83 -2.56 -10.53
N ALA C 260 16.74 -3.89 -10.35
CA ALA C 260 15.55 -4.54 -9.78
C ALA C 260 14.81 -3.94 -8.59
N LYS C 261 13.49 -3.95 -8.69
CA LYS C 261 12.58 -3.50 -7.64
C LYS C 261 12.53 -2.02 -7.25
N THR C 262 13.61 -1.28 -7.42
CA THR C 262 13.58 0.14 -7.04
C THR C 262 13.67 1.10 -8.23
N GLY C 263 14.42 0.70 -9.27
CA GLY C 263 14.63 1.54 -10.45
C GLY C 263 15.98 2.22 -10.25
N GLY C 264 16.52 2.86 -11.30
CA GLY C 264 17.81 3.54 -11.19
C GLY C 264 17.73 5.06 -11.15
N TYR C 265 18.63 5.72 -10.40
CA TYR C 265 18.63 7.20 -10.28
C TYR C 265 20.03 7.85 -10.46
N LEU C 266 20.04 9.10 -10.89
CA LEU C 266 21.28 9.85 -11.12
C LEU C 266 21.64 10.69 -9.88
N VAL C 267 22.68 10.30 -9.14
CA VAL C 267 23.06 11.04 -7.95
C VAL C 267 24.51 11.53 -8.04
N ASN C 268 24.70 12.84 -7.91
CA ASN C 268 26.03 13.44 -7.94
C ASN C 268 27.03 12.95 -9.01
N GLY C 269 26.56 12.61 -10.21
CA GLY C 269 27.47 12.18 -11.25
C GLY C 269 27.51 10.71 -11.59
N LYS C 270 26.82 9.86 -10.82
CA LYS C 270 26.79 8.41 -11.07
C LYS C 270 25.36 7.83 -11.07
N THR C 271 25.23 6.55 -11.43
CA THR C 271 23.94 5.86 -11.43
C THR C 271 23.85 4.75 -10.35
N ARG C 272 22.77 4.71 -9.56
CA ARG C 272 22.59 3.69 -8.52
C ARG C 272 21.12 3.39 -8.16
N LYS C 273 20.92 2.32 -7.41
CA LYS C 273 19.59 1.92 -6.93
C LYS C 273 19.39 2.54 -5.53
N LEU C 274 18.20 2.32 -4.97
CA LEU C 274 17.84 2.82 -3.65
C LEU C 274 18.18 1.75 -2.58
N HIS C 275 18.34 2.19 -1.33
CA HIS C 275 18.68 1.37 -0.16
C HIS C 275 17.36 1.08 0.57
N PRO C 276 17.26 -0.03 1.36
CA PRO C 276 16.03 -0.39 2.09
C PRO C 276 15.35 0.73 2.94
N ARG C 277 16.17 1.60 3.54
CA ARG C 277 15.70 2.73 4.35
C ARG C 277 15.09 3.80 3.43
N GLU C 278 15.70 4.02 2.26
CA GLU C 278 15.18 5.00 1.31
C GLU C 278 13.83 4.46 0.81
N CYS C 279 13.71 3.12 0.74
CA CYS C 279 12.44 2.47 0.35
C CYS C 279 11.35 2.69 1.42
N ALA C 280 11.72 2.56 2.69
CA ALA C 280 10.78 2.77 3.79
C ALA C 280 10.24 4.21 3.74
N ARG C 281 11.10 5.18 3.46
CA ARG C 281 10.70 6.60 3.37
C ARG C 281 9.72 6.92 2.22
N VAL C 282 9.90 6.35 1.03
CA VAL C 282 8.97 6.63 -0.08
C VAL C 282 7.59 5.97 0.12
N MET C 283 7.47 5.11 1.14
CA MET C 283 6.19 4.44 1.48
C MET C 283 5.60 5.10 2.75
N GLY C 284 6.31 6.08 3.28
CA GLY C 284 5.85 6.80 4.46
C GLY C 284 6.11 6.24 5.85
N TYR C 285 6.96 5.21 5.96
CA TYR C 285 7.31 4.61 7.24
C TYR C 285 8.33 5.52 8.00
N PRO C 286 8.22 5.62 9.34
CA PRO C 286 9.14 6.47 10.11
C PRO C 286 10.48 5.74 10.37
N ASP C 287 11.53 6.52 10.68
CA ASP C 287 12.88 5.95 10.91
C ASP C 287 12.97 4.99 12.10
N SER C 288 11.96 4.99 12.95
CA SER C 288 11.96 4.08 14.11
C SER C 288 11.50 2.64 13.77
N TYR C 289 10.95 2.43 12.57
CA TYR C 289 10.53 1.08 12.16
C TYR C 289 11.78 0.25 11.80
N LYS C 290 11.88 -0.97 12.35
CA LYS C 290 13.03 -1.86 12.09
C LYS C 290 12.79 -2.69 10.84
N VAL C 291 13.72 -2.66 9.88
CA VAL C 291 13.60 -3.45 8.66
C VAL C 291 14.20 -4.85 8.89
N HIS C 292 13.81 -5.82 8.04
CA HIS C 292 14.27 -7.21 8.12
C HIS C 292 15.76 -7.33 7.83
N PRO C 293 16.48 -8.19 8.57
CA PRO C 293 17.93 -8.37 8.33
C PRO C 293 18.31 -8.87 6.93
N SER C 294 17.38 -9.51 6.22
CA SER C 294 17.67 -9.96 4.87
C SER C 294 17.23 -8.92 3.85
N THR C 295 18.19 -8.29 3.21
CA THR C 295 17.97 -7.24 2.21
C THR C 295 17.00 -7.66 1.08
N SER C 296 16.98 -8.94 0.76
CA SER C 296 16.11 -9.46 -0.30
C SER C 296 14.63 -9.55 0.13
N GLN C 297 14.39 -9.91 1.39
CA GLN C 297 13.03 -10.00 1.91
C GLN C 297 12.47 -8.61 2.21
N ALA C 298 13.36 -7.68 2.56
CA ALA C 298 12.99 -6.28 2.83
C ALA C 298 12.46 -5.59 1.56
N TYR C 299 13.16 -5.73 0.42
CA TYR C 299 12.72 -5.14 -0.86
C TYR C 299 11.34 -5.69 -1.28
N LYS C 300 11.14 -7.00 -1.13
CA LYS C 300 9.89 -7.66 -1.49
C LYS C 300 8.73 -7.20 -0.61
N GLN C 301 8.99 -7.06 0.69
CA GLN C 301 7.99 -6.61 1.65
C GLN C 301 7.52 -5.18 1.31
N PHE C 302 8.45 -4.24 1.17
CA PHE C 302 8.08 -2.86 0.82
C PHE C 302 7.34 -2.76 -0.53
N GLY C 303 7.62 -3.67 -1.45
CA GLY C 303 6.94 -3.64 -2.74
C GLY C 303 5.48 -4.07 -2.72
N ASN C 304 5.11 -4.89 -1.74
CA ASN C 304 3.75 -5.41 -1.57
C ASN C 304 2.90 -4.47 -0.70
N SER C 305 3.55 -3.59 0.06
CA SER C 305 2.91 -2.66 1.03
C SER C 305 1.98 -1.51 0.59
N VAL C 306 1.54 -0.71 1.59
CA VAL C 306 0.66 0.46 1.41
C VAL C 306 1.36 1.76 1.81
N VAL C 307 0.90 2.89 1.27
CA VAL C 307 1.46 4.19 1.63
C VAL C 307 0.64 4.64 2.84
N ILE C 308 1.31 4.73 4.00
CA ILE C 308 0.71 5.08 5.29
C ILE C 308 -0.08 6.40 5.30
N ASN C 309 0.52 7.46 4.75
CA ASN C 309 -0.08 8.79 4.71
C ASN C 309 -1.50 8.83 4.09
N VAL C 310 -1.68 8.16 2.95
CA VAL C 310 -2.97 8.09 2.25
C VAL C 310 -4.03 7.37 3.10
N LEU C 311 -3.57 6.39 3.89
CA LEU C 311 -4.47 5.62 4.75
C LEU C 311 -4.87 6.41 6.00
N GLN C 312 -3.97 7.26 6.52
CA GLN C 312 -4.27 8.09 7.71
C GLN C 312 -5.41 9.06 7.37
N TYR C 313 -5.32 9.75 6.23
CA TYR C 313 -6.38 10.68 5.81
C TYR C 313 -7.73 9.98 5.63
N ILE C 314 -7.73 8.80 5.02
CA ILE C 314 -8.98 8.07 4.79
C ILE C 314 -9.59 7.55 6.09
N ALA C 315 -8.76 7.03 7.00
CA ALA C 315 -9.25 6.53 8.28
C ALA C 315 -9.93 7.66 9.13
N TYR C 316 -9.36 8.86 9.05
CA TYR C 316 -9.88 10.01 9.76
C TYR C 316 -11.26 10.36 9.22
N ASN C 317 -11.45 10.22 7.91
CA ASN C 317 -12.74 10.53 7.30
C ASN C 317 -13.84 9.51 7.67
N ILE C 318 -13.43 8.28 7.94
CA ILE C 318 -14.36 7.22 8.33
C ILE C 318 -14.91 7.54 9.75
N GLY C 319 -14.01 7.97 10.63
CA GLY C 319 -14.36 8.34 11.99
C GLY C 319 -15.25 9.56 12.06
N SER C 320 -14.95 10.58 11.25
CA SER C 320 -15.77 11.80 11.21
C SER C 320 -17.24 11.41 10.93
N SER C 321 -17.44 10.50 9.98
CA SER C 321 -18.79 10.06 9.66
C SER C 321 -19.46 9.29 10.81
N LEU C 322 -18.77 8.31 11.38
CA LEU C 322 -19.32 7.52 12.48
C LEU C 322 -19.71 8.39 13.70
N ASN C 323 -19.02 9.51 13.88
CA ASN C 323 -19.23 10.40 15.02
C ASN C 323 -20.35 11.43 14.89
N PHE C 324 -20.83 11.72 13.67
CA PHE C 324 -21.91 12.69 13.48
C PHE C 324 -23.26 12.04 13.75
N LYS C 325 -23.83 12.32 14.93
CA LYS C 325 -25.11 11.73 15.32
C LYS C 325 -26.05 12.75 15.98
N PRO C 326 -26.66 13.64 15.20
CA PRO C 326 -27.56 14.63 15.82
C PRO C 326 -28.93 14.09 16.28
N TYR C 327 -29.57 14.82 17.19
CA TYR C 327 -30.90 14.47 17.69
C TYR C 327 -31.91 14.91 16.61
N SAH D . -1.12 -4.58 3.50
CA SAH D . 0.08 -5.36 3.78
CB SAH D . 0.65 -6.02 2.51
CG SAH D . -0.35 -6.93 1.77
SD SAH D . 0.20 -7.88 0.33
C SAH D . 1.04 -4.31 4.32
O SAH D . 0.52 -3.35 5.05
OXT SAH D . 2.34 -4.43 4.21
C5' SAH D . -0.78 -9.40 0.63
C4' SAH D . -0.24 -10.35 1.78
O4' SAH D . -1.13 -11.49 1.88
C3' SAH D . 1.15 -10.97 1.48
O3' SAH D . 2.05 -10.55 2.54
C2' SAH D . 0.84 -12.53 1.47
O2' SAH D . 1.89 -13.29 2.12
C1' SAH D . -0.42 -12.64 2.32
N9 SAH D . -1.22 -13.89 2.02
C8 SAH D . -1.53 -14.45 0.78
N7 SAH D . -2.29 -15.51 0.88
C5 SAH D . -2.51 -15.70 2.26
C6 SAH D . -3.22 -16.70 3.00
N6 SAH D . -3.87 -17.65 2.32
N1 SAH D . -3.25 -16.68 4.37
C2 SAH D . -2.57 -15.68 4.96
N3 SAH D . -1.86 -14.66 4.39
C4 SAH D . -1.86 -14.73 2.99
#